data_6E3I
#
_entry.id   6E3I
#
_cell.length_a   43.220
_cell.length_b   42.947
_cell.length_c   46.762
_cell.angle_alpha   90.000
_cell.angle_beta   114.730
_cell.angle_gamma   90.000
#
_symmetry.space_group_name_H-M   'P 1 21 1'
#
loop_
_entity.id
_entity.type
_entity.pdbx_description
1 polymer 'Bcl-2-related protein A1'
2 polymer 'peptide srt.F4'
3 non-polymer 'SULFATE ION'
4 water water
#
loop_
_entity_poly.entity_id
_entity_poly.type
_entity_poly.pdbx_seq_one_letter_code
_entity_poly.pdbx_strand_id
1 'polypeptide(L)'
;GMTDCEFGYIYRLAQDYLQCVLQIPQPGSGPSKTSRVLQNVAFSVQKEVEKNLKSCLDNVNVVSVDTARTLFNQVMEKEF
EDGIINWGRIVTIFAFEGILIKKLLRQQIAPDVDTYKEISYFVAEFIMNNTGEWIRQNGGWENGFVKKFEPK
;
A
2 'polypeptide(L)' (ACE)QRVVHIAAGLRRTGDQLEAYG(NH2) B
#
loop_
_chem_comp.id
_chem_comp.type
_chem_comp.name
_chem_comp.formula
ACE non-polymer 'ACETYL GROUP' 'C2 H4 O'
NH2 non-polymer 'AMINO GROUP' 'H2 N'
SO4 non-polymer 'SULFATE ION' 'O4 S -2'
#
# COMPACT_ATOMS: atom_id res chain seq x y z
N GLY A 1 13.13 15.69 1.05
CA GLY A 1 13.27 16.25 -0.32
C GLY A 1 13.44 15.18 -1.37
N MET A 2 14.68 14.95 -1.79
CA MET A 2 15.00 13.89 -2.75
C MET A 2 15.27 12.55 -2.08
N THR A 3 15.68 12.54 -0.81
CA THR A 3 15.92 11.32 -0.07
C THR A 3 14.63 10.64 0.36
N ASP A 4 13.48 11.22 0.06
CA ASP A 4 12.24 10.56 0.46
C ASP A 4 12.00 9.27 -0.32
N CYS A 5 12.82 8.94 -1.31
CA CYS A 5 12.73 7.66 -1.99
C CYS A 5 13.60 6.58 -1.33
N GLU A 6 14.16 6.86 -0.15
CA GLU A 6 15.01 5.91 0.55
C GLU A 6 14.16 5.12 1.55
N PHE A 7 14.72 4.01 2.04
CA PHE A 7 13.88 3.03 2.72
C PHE A 7 13.18 3.62 3.94
N GLY A 8 13.91 4.36 4.77
CA GLY A 8 13.32 4.85 6.01
C GLY A 8 12.06 5.65 5.80
N TYR A 9 12.08 6.53 4.80
CA TYR A 9 10.90 7.36 4.56
C TYR A 9 9.72 6.51 4.13
N ILE A 10 9.95 5.56 3.22
CA ILE A 10 8.88 4.71 2.71
C ILE A 10 8.33 3.83 3.82
N TYR A 11 9.24 3.29 4.65
CA TYR A 11 8.81 2.47 5.78
C TYR A 11 7.88 3.25 6.69
N ARG A 12 8.23 4.50 7.00
CA ARG A 12 7.36 5.31 7.83
C ARG A 12 5.99 5.53 7.17
N LEU A 13 5.97 5.74 5.86
CA LEU A 13 4.68 5.87 5.18
C LEU A 13 3.86 4.60 5.32
N ALA A 14 4.49 3.45 5.10
CA ALA A 14 3.77 2.18 5.15
C ALA A 14 3.28 1.89 6.56
N GLN A 15 4.10 2.20 7.57
CA GLN A 15 3.71 2.00 8.95
C GLN A 15 2.61 2.95 9.36
N ASP A 16 2.69 4.23 8.96
CA ASP A 16 1.63 5.18 9.25
C ASP A 16 0.30 4.68 8.70
N TYR A 17 0.31 4.13 7.47
CA TYR A 17 -0.94 3.71 6.87
C TYR A 17 -1.52 2.51 7.60
N LEU A 18 -0.69 1.54 8.01
CA LEU A 18 -1.21 0.43 8.79
C LEU A 18 -1.75 0.89 10.13
N GLN A 19 -1.09 1.84 10.79
CA GLN A 19 -1.60 2.35 12.06
C GLN A 19 -2.92 3.07 11.88
N CYS A 20 -3.10 3.74 10.74
CA CYS A 20 -4.39 4.33 10.42
C CYS A 20 -5.46 3.25 10.30
N VAL A 21 -5.19 2.23 9.49
CA VAL A 21 -6.18 1.16 9.30
C VAL A 21 -6.52 0.49 10.61
N LEU A 22 -5.51 0.18 11.43
CA LEU A 22 -5.71 -0.46 12.73
C LEU A 22 -6.24 0.49 13.81
N GLN A 23 -6.43 1.76 13.48
CA GLN A 23 -6.98 2.73 14.44
C GLN A 23 -6.07 2.89 15.66
N ILE A 24 -4.76 2.85 15.43
CA ILE A 24 -3.80 3.13 16.50
C ILE A 24 -2.88 4.27 16.06
N PRO A 25 -3.42 5.47 15.82
CA PRO A 25 -2.55 6.62 15.54
C PRO A 25 -1.58 6.83 16.69
N GLN A 26 -0.30 7.10 16.34
CA GLN A 26 0.70 7.16 17.40
C GLN A 26 0.85 8.59 17.92
N PRO A 27 1.20 8.73 19.20
CA PRO A 27 1.45 10.06 19.74
C PRO A 27 2.75 10.63 19.20
N GLY A 28 2.95 11.90 19.47
CA GLY A 28 4.08 12.63 18.94
C GLY A 28 3.66 13.71 17.96
N SER A 29 4.62 14.14 17.14
CA SER A 29 4.37 15.22 16.21
C SER A 29 3.22 14.93 15.26
N GLY A 30 2.89 13.66 15.03
CA GLY A 30 1.84 13.29 14.11
C GLY A 30 2.39 13.01 12.73
N PRO A 31 1.58 12.42 11.84
CA PRO A 31 2.08 12.06 10.52
C PRO A 31 2.39 13.29 9.66
N SER A 32 3.31 13.09 8.73
CA SER A 32 3.71 14.13 7.80
C SER A 32 2.55 14.50 6.88
N LYS A 33 2.69 15.65 6.22
CA LYS A 33 1.71 16.07 5.23
C LYS A 33 1.54 15.01 4.14
N THR A 34 2.65 14.42 3.67
CA THR A 34 2.56 13.37 2.67
C THR A 34 1.71 12.22 3.18
N SER A 35 2.03 11.74 4.38
CA SER A 35 1.31 10.64 4.97
C SER A 35 -0.17 10.98 5.13
N ARG A 36 -0.47 12.20 5.54
CA ARG A 36 -1.87 12.60 5.69
C ARG A 36 -2.60 12.53 4.36
N VAL A 37 -1.97 13.00 3.28
CA VAL A 37 -2.61 12.95 1.98
C VAL A 37 -2.78 11.50 1.53
N LEU A 38 -1.73 10.68 1.71
CA LEU A 38 -1.79 9.29 1.29
C LEU A 38 -2.88 8.51 2.01
N GLN A 39 -3.06 8.75 3.32
CA GLN A 39 -4.02 7.97 4.07
C GLN A 39 -5.43 8.12 3.52
N ASN A 40 -5.81 9.32 3.09
N ASN A 40 -5.82 9.34 3.15
CA ASN A 40 -7.15 9.51 2.56
CA ASN A 40 -7.16 9.54 2.63
C ASN A 40 -7.33 8.81 1.21
C ASN A 40 -7.34 8.88 1.27
N VAL A 41 -6.37 8.99 0.30
N VAL A 41 -6.36 9.00 0.39
CA VAL A 41 -6.56 8.42 -1.04
CA VAL A 41 -6.50 8.47 -0.96
C VAL A 41 -6.39 6.90 -0.99
C VAL A 41 -6.42 6.94 -0.94
N ALA A 42 -5.46 6.40 -0.19
CA ALA A 42 -5.30 4.95 -0.12
C ALA A 42 -6.50 4.29 0.53
N PHE A 43 -7.09 4.92 1.54
CA PHE A 43 -8.25 4.31 2.18
C PHE A 43 -9.43 4.26 1.22
N SER A 44 -9.61 5.31 0.42
CA SER A 44 -10.67 5.29 -0.58
C SER A 44 -10.48 4.15 -1.56
N VAL A 45 -9.24 3.95 -2.03
CA VAL A 45 -8.93 2.84 -2.92
C VAL A 45 -9.16 1.52 -2.22
N GLN A 46 -8.75 1.41 -0.96
CA GLN A 46 -8.88 0.16 -0.22
C GLN A 46 -10.34 -0.26 -0.12
N LYS A 47 -11.24 0.67 0.23
CA LYS A 47 -12.64 0.31 0.32
C LYS A 47 -13.20 -0.11 -1.04
N GLU A 48 -12.78 0.56 -2.12
CA GLU A 48 -13.24 0.20 -3.46
C GLU A 48 -12.79 -1.21 -3.82
N VAL A 49 -11.52 -1.54 -3.56
CA VAL A 49 -10.99 -2.86 -3.88
C VAL A 49 -11.63 -3.93 -3.00
N GLU A 50 -11.86 -3.62 -1.72
CA GLU A 50 -12.51 -4.60 -0.85
C GLU A 50 -13.89 -4.98 -1.39
N LYS A 51 -14.60 -4.01 -1.95
CA LYS A 51 -15.92 -4.29 -2.50
C LYS A 51 -15.80 -5.04 -3.83
N ASN A 52 -14.91 -4.59 -4.71
CA ASN A 52 -14.82 -5.17 -6.04
C ASN A 52 -14.29 -6.60 -5.99
N LEU A 53 -13.36 -6.88 -5.09
CA LEU A 53 -12.74 -8.20 -5.02
C LEU A 53 -13.22 -9.02 -3.85
N LYS A 54 -14.40 -8.70 -3.31
CA LYS A 54 -14.84 -9.32 -2.06
C LYS A 54 -14.86 -10.84 -2.16
N SER A 55 -15.48 -11.38 -3.21
CA SER A 55 -15.61 -12.82 -3.30
C SER A 55 -14.24 -13.48 -3.35
N CYS A 56 -13.30 -12.87 -4.09
CA CYS A 56 -11.96 -13.42 -4.17
C CYS A 56 -11.22 -13.31 -2.85
N LEU A 57 -11.25 -12.13 -2.23
CA LEU A 57 -10.49 -11.91 -1.00
C LEU A 57 -10.99 -12.78 0.13
N ASP A 58 -12.28 -13.12 0.14
CA ASP A 58 -12.80 -13.99 1.20
C ASP A 58 -12.36 -15.44 1.03
N ASN A 59 -11.74 -15.79 -0.10
CA ASN A 59 -11.21 -17.12 -0.35
C ASN A 59 -9.70 -17.20 -0.14
N VAL A 60 -9.09 -16.18 0.46
CA VAL A 60 -7.69 -16.23 0.83
C VAL A 60 -7.60 -16.03 2.34
N ASN A 61 -6.87 -16.93 2.99
CA ASN A 61 -6.70 -16.89 4.44
C ASN A 61 -5.29 -16.41 4.75
N VAL A 62 -5.19 -15.25 5.38
CA VAL A 62 -3.88 -14.64 5.66
C VAL A 62 -3.58 -15.00 7.11
N VAL A 63 -2.98 -16.19 7.29
CA VAL A 63 -2.87 -16.79 8.62
C VAL A 63 -1.52 -16.55 9.28
N SER A 64 -0.57 -15.93 8.58
CA SER A 64 0.73 -15.67 9.16
C SER A 64 1.40 -14.53 8.42
N VAL A 65 2.40 -13.94 9.06
CA VAL A 65 3.15 -12.88 8.40
C VAL A 65 3.84 -13.41 7.15
N ASP A 66 4.26 -14.69 7.18
CA ASP A 66 4.94 -15.27 6.04
C ASP A 66 3.98 -15.49 4.88
N THR A 67 2.75 -15.90 5.17
CA THR A 67 1.75 -15.96 4.10
C THR A 67 1.44 -14.58 3.55
N ALA A 68 1.33 -13.58 4.43
CA ALA A 68 1.10 -12.21 3.96
C ALA A 68 2.23 -11.75 3.04
N ARG A 69 3.49 -12.02 3.41
CA ARG A 69 4.62 -11.58 2.60
C ARG A 69 4.63 -12.27 1.25
N THR A 70 4.45 -13.59 1.23
CA THR A 70 4.46 -14.30 -0.04
C THR A 70 3.34 -13.82 -0.93
N LEU A 71 2.12 -13.69 -0.38
CA LEU A 71 0.99 -13.23 -1.17
C LEU A 71 1.22 -11.82 -1.68
N PHE A 72 1.68 -10.92 -0.80
CA PHE A 72 1.97 -9.56 -1.23
C PHE A 72 2.94 -9.55 -2.40
N ASN A 73 4.04 -10.29 -2.28
CA ASN A 73 5.04 -10.28 -3.33
C ASN A 73 4.50 -10.92 -4.61
N GLN A 74 3.71 -11.98 -4.49
CA GLN A 74 3.10 -12.60 -5.66
C GLN A 74 2.21 -11.61 -6.39
N VAL A 75 1.34 -10.93 -5.64
CA VAL A 75 0.40 -9.98 -6.25
C VAL A 75 1.14 -8.80 -6.85
N MET A 76 2.13 -8.25 -6.13
CA MET A 76 2.85 -7.11 -6.68
C MET A 76 3.56 -7.48 -7.96
N GLU A 77 4.18 -8.67 -7.99
CA GLU A 77 4.87 -9.10 -9.20
C GLU A 77 3.93 -9.06 -10.41
N LYS A 78 2.71 -9.59 -10.24
CA LYS A 78 1.79 -9.63 -11.37
C LYS A 78 1.21 -8.26 -11.66
N GLU A 79 1.00 -7.44 -10.62
CA GLU A 79 0.43 -6.12 -10.86
C GLU A 79 1.35 -5.28 -11.72
N PHE A 80 2.66 -5.39 -11.49
CA PHE A 80 3.65 -4.53 -12.10
C PHE A 80 4.41 -5.22 -13.23
N GLU A 81 3.98 -6.40 -13.66
CA GLU A 81 4.73 -7.17 -14.64
C GLU A 81 4.79 -6.49 -16.01
N ASP A 82 3.87 -5.57 -16.32
CA ASP A 82 3.89 -4.87 -17.61
C ASP A 82 4.90 -3.73 -17.65
N GLY A 83 5.64 -3.50 -16.56
CA GLY A 83 6.65 -2.48 -16.53
C GLY A 83 6.13 -1.07 -16.34
N ILE A 84 4.84 -0.89 -16.08
CA ILE A 84 4.26 0.43 -15.93
C ILE A 84 4.23 0.77 -14.45
N ILE A 85 4.69 1.97 -14.13
CA ILE A 85 4.61 2.52 -12.79
C ILE A 85 3.94 3.88 -12.91
N ASN A 86 2.99 4.14 -12.02
CA ASN A 86 2.39 5.47 -11.94
C ASN A 86 1.89 5.65 -10.51
N TRP A 87 1.51 6.89 -10.19
CA TRP A 87 1.14 7.18 -8.81
C TRP A 87 -0.12 6.40 -8.40
N GLY A 88 -1.08 6.23 -9.30
CA GLY A 88 -2.27 5.49 -8.95
C GLY A 88 -1.96 4.07 -8.51
N ARG A 89 -1.09 3.40 -9.27
CA ARG A 89 -0.68 2.06 -8.88
C ARG A 89 0.08 2.07 -7.56
N ILE A 90 0.91 3.08 -7.31
CA ILE A 90 1.61 3.11 -6.03
C ILE A 90 0.61 3.20 -4.88
N VAL A 91 -0.47 3.96 -5.06
CA VAL A 91 -1.48 4.03 -4.00
C VAL A 91 -2.05 2.64 -3.73
N THR A 92 -2.24 1.84 -4.78
CA THR A 92 -2.85 0.53 -4.55
C THR A 92 -1.95 -0.39 -3.74
N ILE A 93 -0.64 -0.11 -3.71
CA ILE A 93 0.24 -0.92 -2.86
C ILE A 93 -0.14 -0.73 -1.41
N PHE A 94 -0.36 0.51 -1.01
CA PHE A 94 -0.75 0.79 0.37
C PHE A 94 -2.15 0.25 0.64
N ALA A 95 -3.08 0.43 -0.30
CA ALA A 95 -4.41 -0.15 -0.10
C ALA A 95 -4.31 -1.65 0.16
N PHE A 96 -3.45 -2.35 -0.59
CA PHE A 96 -3.38 -3.80 -0.43
C PHE A 96 -2.75 -4.17 0.91
N GLU A 97 -1.74 -3.42 1.39
CA GLU A 97 -1.22 -3.74 2.72
C GLU A 97 -2.30 -3.53 3.77
N GLY A 98 -3.20 -2.56 3.58
CA GLY A 98 -4.29 -2.41 4.52
C GLY A 98 -5.25 -3.58 4.49
N ILE A 99 -5.50 -4.12 3.31
CA ILE A 99 -6.32 -5.33 3.21
C ILE A 99 -5.65 -6.49 3.95
N LEU A 100 -4.35 -6.67 3.77
CA LEU A 100 -3.65 -7.76 4.40
C LEU A 100 -3.66 -7.64 5.91
N ILE A 101 -3.48 -6.42 6.44
CA ILE A 101 -3.41 -6.31 7.91
C ILE A 101 -4.77 -6.57 8.52
N LYS A 102 -5.86 -6.19 7.83
CA LYS A 102 -7.20 -6.49 8.34
C LYS A 102 -7.46 -7.98 8.37
N LYS A 103 -7.03 -8.70 7.32
CA LYS A 103 -7.21 -10.15 7.33
C LYS A 103 -6.35 -10.78 8.42
N LEU A 104 -5.10 -10.34 8.55
CA LEU A 104 -4.23 -10.87 9.59
C LEU A 104 -4.85 -10.66 10.97
N LEU A 105 -5.38 -9.46 11.22
CA LEU A 105 -6.00 -9.21 12.51
C LEU A 105 -7.03 -10.27 12.84
N ARG A 106 -7.78 -10.74 11.83
CA ARG A 106 -8.82 -11.73 12.06
C ARG A 106 -8.32 -13.16 12.06
N GLN A 107 -7.30 -13.46 11.25
CA GLN A 107 -6.95 -14.82 10.92
C GLN A 107 -5.57 -15.28 11.36
N GLN A 108 -4.72 -14.38 11.85
CA GLN A 108 -3.35 -14.77 12.17
C GLN A 108 -3.36 -15.84 13.25
N ILE A 109 -2.68 -16.95 12.99
CA ILE A 109 -2.77 -18.09 13.89
C ILE A 109 -2.21 -17.75 15.25
N ALA A 110 -1.01 -17.18 15.29
CA ALA A 110 -0.38 -16.76 16.54
C ALA A 110 -0.26 -15.25 16.49
N PRO A 111 -1.26 -14.51 16.95
CA PRO A 111 -1.21 -13.05 16.80
C PRO A 111 -0.02 -12.45 17.52
N ASP A 112 0.57 -11.43 16.91
CA ASP A 112 1.70 -10.73 17.49
C ASP A 112 1.55 -9.24 17.20
N VAL A 113 1.68 -8.41 18.24
CA VAL A 113 1.42 -6.99 18.10
C VAL A 113 2.42 -6.29 17.17
N ASP A 114 3.60 -6.85 16.96
CA ASP A 114 4.57 -6.20 16.07
C ASP A 114 4.36 -6.57 14.61
N THR A 115 3.30 -7.31 14.28
CA THR A 115 3.18 -7.84 12.93
C THR A 115 3.09 -6.72 11.90
N TYR A 116 2.31 -5.68 12.18
CA TYR A 116 2.21 -4.59 11.20
C TYR A 116 3.55 -3.95 10.90
N LYS A 117 4.51 -4.05 11.83
CA LYS A 117 5.83 -3.52 11.53
C LYS A 117 6.56 -4.40 10.53
N GLU A 118 6.32 -5.72 10.56
CA GLU A 118 6.91 -6.61 9.57
C GLU A 118 6.26 -6.43 8.20
N ILE A 119 4.94 -6.22 8.17
CA ILE A 119 4.26 -5.94 6.90
C ILE A 119 4.80 -4.65 6.31
N SER A 120 4.89 -3.61 7.14
CA SER A 120 5.41 -2.33 6.66
C SER A 120 6.78 -2.50 6.04
N TYR A 121 7.61 -3.36 6.65
CA TYR A 121 8.96 -3.57 6.17
C TYR A 121 8.96 -4.17 4.77
N PHE A 122 8.19 -5.25 4.54
CA PHE A 122 8.23 -5.86 3.22
C PHE A 122 7.51 -5.02 2.17
N VAL A 123 6.56 -4.19 2.59
CA VAL A 123 5.97 -3.23 1.66
C VAL A 123 7.00 -2.20 1.21
N ALA A 124 7.71 -1.60 2.15
CA ALA A 124 8.77 -0.66 1.83
C ALA A 124 9.85 -1.29 0.97
N GLU A 125 10.21 -2.55 1.25
CA GLU A 125 11.22 -3.18 0.42
C GLU A 125 10.78 -3.26 -1.03
N PHE A 126 9.51 -3.64 -1.27
CA PHE A 126 9.01 -3.68 -2.64
C PHE A 126 9.00 -2.30 -3.27
N ILE A 127 8.44 -1.32 -2.56
CA ILE A 127 8.29 0.00 -3.15
C ILE A 127 9.66 0.57 -3.50
N MET A 128 10.61 0.45 -2.57
CA MET A 128 11.91 1.05 -2.82
C MET A 128 12.62 0.36 -3.97
N ASN A 129 12.64 -0.98 -3.96
CA ASN A 129 13.47 -1.70 -4.93
C ASN A 129 12.86 -1.68 -6.32
N ASN A 130 11.53 -1.63 -6.41
CA ASN A 130 10.86 -1.75 -7.69
C ASN A 130 10.32 -0.44 -8.25
N THR A 131 10.07 0.56 -7.40
CA THR A 131 9.57 1.84 -7.89
C THR A 131 10.39 3.04 -7.43
N GLY A 132 11.43 2.84 -6.62
CA GLY A 132 12.11 3.96 -6.00
C GLY A 132 12.73 4.92 -7.01
N GLU A 133 13.34 4.39 -8.07
CA GLU A 133 13.95 5.26 -9.06
C GLU A 133 12.89 6.06 -9.81
N TRP A 134 11.77 5.41 -10.16
CA TRP A 134 10.68 6.13 -10.81
C TRP A 134 10.15 7.21 -9.89
N ILE A 135 9.97 6.91 -8.61
CA ILE A 135 9.49 7.90 -7.66
C ILE A 135 10.39 9.14 -7.67
N ARG A 136 11.70 8.91 -7.60
CA ARG A 136 12.66 10.02 -7.59
C ARG A 136 12.53 10.86 -8.86
N GLN A 137 12.53 10.21 -10.03
CA GLN A 137 12.43 10.93 -11.30
C GLN A 137 11.13 11.72 -11.43
N ASN A 138 10.12 11.39 -10.64
CA ASN A 138 8.81 12.03 -10.70
C ASN A 138 8.54 12.93 -9.51
N GLY A 139 9.59 13.33 -8.80
CA GLY A 139 9.49 14.34 -7.78
C GLY A 139 9.39 13.85 -6.37
N GLY A 140 9.50 12.55 -6.16
CA GLY A 140 9.42 12.06 -4.81
C GLY A 140 8.00 12.17 -4.28
N TRP A 141 7.89 11.92 -2.98
CA TRP A 141 6.57 12.01 -2.36
C TRP A 141 6.15 13.46 -2.21
N GLU A 142 7.08 14.36 -1.87
CA GLU A 142 6.71 15.75 -1.59
C GLU A 142 6.42 16.53 -2.87
N ASN A 143 7.19 16.32 -3.94
CA ASN A 143 7.01 17.11 -5.14
C ASN A 143 6.32 16.35 -6.27
N GLY A 144 5.96 15.11 -6.05
CA GLY A 144 5.27 14.32 -7.03
C GLY A 144 3.93 13.85 -6.50
N PHE A 145 3.98 12.92 -5.55
CA PHE A 145 2.75 12.33 -5.05
C PHE A 145 1.83 13.38 -4.46
N VAL A 146 2.35 14.20 -3.53
CA VAL A 146 1.49 15.16 -2.86
C VAL A 146 0.93 16.17 -3.83
N LYS A 147 1.73 16.57 -4.83
CA LYS A 147 1.23 17.53 -5.81
C LYS A 147 0.06 16.96 -6.61
N LYS A 148 0.08 15.66 -6.89
CA LYS A 148 -1.00 15.04 -7.64
C LYS A 148 -2.27 14.90 -6.82
N PHE A 149 -2.15 14.55 -5.55
CA PHE A 149 -3.29 14.11 -4.78
C PHE A 149 -3.77 15.08 -3.70
N GLU A 150 -3.01 16.12 -3.37
CA GLU A 150 -3.45 17.04 -2.34
C GLU A 150 -4.69 17.82 -2.81
N PRO A 151 -5.45 18.37 -1.88
CA PRO A 151 -6.64 19.14 -2.27
C PRO A 151 -6.25 20.34 -3.12
N LYS A 152 -7.15 20.75 -4.00
CA LYS A 152 -6.89 21.93 -4.81
C LYS A 152 -7.33 23.17 -4.06
C ACE B 1 -3.38 -18.22 -9.33
O ACE B 1 -3.02 -17.06 -9.49
CH3 ACE B 1 -2.49 -19.29 -8.76
N GLN B 2 -4.61 -18.63 -9.65
CA GLN B 2 -5.57 -17.70 -10.24
C GLN B 2 -6.00 -16.56 -9.32
N ARG B 3 -6.08 -16.81 -8.02
CA ARG B 3 -6.48 -15.73 -7.12
C ARG B 3 -5.48 -14.59 -7.16
N VAL B 4 -4.18 -14.91 -7.24
CA VAL B 4 -3.14 -13.89 -7.36
C VAL B 4 -3.36 -13.06 -8.62
N VAL B 5 -3.62 -13.74 -9.74
CA VAL B 5 -3.81 -13.04 -11.01
C VAL B 5 -5.01 -12.11 -10.92
N HIS B 6 -6.11 -12.59 -10.32
CA HIS B 6 -7.31 -11.78 -10.22
C HIS B 6 -7.11 -10.57 -9.32
N ILE B 7 -6.46 -10.76 -8.16
CA ILE B 7 -6.23 -9.62 -7.26
C ILE B 7 -5.34 -8.59 -7.94
N ALA B 8 -4.23 -9.04 -8.52
CA ALA B 8 -3.29 -8.14 -9.19
C ALA B 8 -3.98 -7.35 -10.28
N ALA B 9 -4.83 -8.01 -11.08
CA ALA B 9 -5.50 -7.32 -12.17
C ALA B 9 -6.47 -6.28 -11.62
N GLY B 10 -7.14 -6.60 -10.52
CA GLY B 10 -8.04 -5.63 -9.93
C GLY B 10 -7.30 -4.42 -9.39
N LEU B 11 -6.16 -4.65 -8.73
CA LEU B 11 -5.36 -3.54 -8.24
C LEU B 11 -4.84 -2.71 -9.41
N ARG B 12 -4.35 -3.37 -10.46
CA ARG B 12 -3.84 -2.63 -11.60
C ARG B 12 -4.94 -1.75 -12.20
N ARG B 13 -6.13 -2.33 -12.38
CA ARG B 13 -7.21 -1.58 -13.01
C ARG B 13 -7.59 -0.36 -12.17
N THR B 14 -7.70 -0.55 -10.85
CA THR B 14 -8.07 0.54 -9.96
C THR B 14 -6.97 1.60 -9.96
N GLY B 15 -5.71 1.19 -9.95
CA GLY B 15 -4.61 2.12 -9.96
C GLY B 15 -4.55 2.95 -11.24
N ASP B 16 -4.70 2.30 -12.39
CA ASP B 16 -4.68 3.03 -13.66
C ASP B 16 -5.87 3.97 -13.79
N GLN B 17 -7.02 3.60 -13.25
CA GLN B 17 -8.17 4.51 -13.22
C GLN B 17 -7.90 5.72 -12.33
N LEU B 18 -7.34 5.48 -11.15
CA LEU B 18 -6.99 6.58 -10.25
C LEU B 18 -5.95 7.48 -10.90
N GLU B 19 -4.97 6.88 -11.58
CA GLU B 19 -3.95 7.68 -12.24
C GLU B 19 -4.57 8.64 -13.24
N ALA B 20 -5.52 8.16 -14.02
CA ALA B 20 -6.08 8.97 -15.09
C ALA B 20 -7.08 10.00 -14.59
N TYR B 21 -7.64 9.81 -13.40
CA TYR B 21 -8.65 10.69 -12.85
C TYR B 21 -8.21 11.45 -11.60
N GLY B 22 -7.47 10.80 -10.70
CA GLY B 22 -7.11 11.41 -9.43
C GLY B 22 -5.99 12.43 -9.51
N NH2 B 23 -5.85 13.24 -8.47
HN1 NH2 B 23 -6.47 13.15 -7.68
HN2 NH2 B 23 -5.11 13.94 -8.47
S SO4 C . 1.05 5.61 -17.17
O1 SO4 C . 0.33 4.41 -16.78
O2 SO4 C . 1.17 5.62 -18.63
O3 SO4 C . 0.33 6.80 -16.72
O4 SO4 C . 2.40 5.55 -16.58
#